data_7DG2
#
_entry.id   7DG2
#
_cell.length_a   53.486
_cell.length_b   66.161
_cell.length_c   168.367
_cell.angle_alpha   90.000
_cell.angle_beta   90.000
_cell.angle_gamma   90.000
#
_symmetry.space_group_name_H-M   'P 21 21 21'
#
loop_
_entity.id
_entity.type
_entity.pdbx_description
1 polymer 'Non-structural maintenance of chromosomes element 1 homolog'
2 polymer 'MAGE domain-containing protein'
3 polymer 'Non-structural maintenance of chromosomes element 4'
4 non-polymer 'ACETATE ION'
5 non-polymer GLYCEROL
6 non-polymer 'ZINC ION'
7 water water
#
loop_
_entity_poly.entity_id
_entity_poly.type
_entity_poly.pdbx_seq_one_letter_code
_entity_poly.pdbx_strand_id
1 'polypeptide(L)'
;MDRINESHQRFLQALMSHGIMEGSAVRALHRHCCELHKVHYMHDKLDDFVGVLNRHLQPLFMTIEKGVGEEDGLTYYALV
NRVENDITKMASDYAENELELFRKTMELIILSDNGFATSISILNLADELQSKKMKKKEVEQLLQSFVQEKWLIGRNGEYT
LHTRCIMELEHYIRNTYQDVAKICNVCRKVAIQSQLCENCGIPLHLQCAGKYFHGKANPTCPNCNESWPHEIPDLNQVSS
QGPSHSQ
;
A
2 'polypeptide(L)'
;MQNHSQEQVNLKVGEVVQYLLIKDQKKLPIKRADIVRSVIKEYKDIYPEIIHRAQITLQQVFGFQLEEIDTKSHIYILTN
KLQRVQGDGMRVDENTSKLGLLMVILSLIFMKGNTAKESAIWEMLRRLRIEPGEMHSEFGDVKKLVTEEFVKQKYLEYNK
VPHIDPVEYEFRWGQRAFKETSKMKVLEFVSKIQQKDPKSWTTQYKDAQEQTQVAGR
;
C
3 'polypeptide(L)' GSHMTVFDPTSFTADLLSFMGLNRMESPGHNSANESDDEGYAGGYLPTDAWQKLGSEAENYFKRTPTFHFMLGSFKTEP D
#
# COMPACT_ATOMS: atom_id res chain seq x y z
N MET A 1 -25.92 12.32 -1.44
CA MET A 1 -26.30 12.35 -0.03
C MET A 1 -26.73 10.97 0.46
N ASP A 2 -26.29 9.94 -0.24
CA ASP A 2 -26.37 8.59 0.30
C ASP A 2 -25.59 8.51 1.60
N ARG A 3 -26.07 7.67 2.51
CA ARG A 3 -25.24 7.25 3.62
C ARG A 3 -24.07 6.43 3.07
N ILE A 4 -22.89 6.69 3.60
CA ILE A 4 -21.74 5.88 3.22
C ILE A 4 -21.99 4.44 3.67
N ASN A 5 -21.74 3.50 2.77
CA ASN A 5 -22.02 2.09 3.07
C ASN A 5 -20.84 1.25 2.59
N GLU A 6 -21.01 -0.07 2.69
CA GLU A 6 -19.92 -1.00 2.39
C GLU A 6 -19.47 -0.93 0.94
N SER A 7 -20.34 -0.54 0.00
CA SER A 7 -19.88 -0.39 -1.38
C SER A 7 -18.82 0.72 -1.48
N HIS A 8 -19.06 1.86 -0.81
CA HIS A 8 -18.05 2.92 -0.76
C HIS A 8 -16.78 2.44 -0.07
N GLN A 9 -16.93 1.70 1.04
CA GLN A 9 -15.75 1.24 1.76
C GLN A 9 -14.93 0.31 0.89
N ARG A 10 -15.59 -0.59 0.14
CA ARG A 10 -14.88 -1.53 -0.70
C ARG A 10 -14.14 -0.80 -1.80
N PHE A 11 -14.78 0.22 -2.38
CA PHE A 11 -14.13 1.05 -3.39
C PHE A 11 -12.91 1.76 -2.81
N LEU A 12 -13.06 2.34 -1.61
CA LEU A 12 -11.95 3.07 -1.01
C LEU A 12 -10.79 2.14 -0.68
N GLN A 13 -11.09 0.94 -0.17
CA GLN A 13 -10.02 -0.02 0.11
C GLN A 13 -9.24 -0.37 -1.16
N ALA A 14 -9.95 -0.63 -2.25
CA ALA A 14 -9.28 -0.98 -3.51
C ALA A 14 -8.40 0.18 -4.00
N LEU A 15 -8.93 1.39 -3.95
CA LEU A 15 -8.15 2.54 -4.40
C LEU A 15 -6.97 2.80 -3.48
N MET A 16 -7.15 2.63 -2.17
CA MET A 16 -6.02 2.76 -1.25
C MET A 16 -4.90 1.79 -1.63
N SER A 17 -5.26 0.57 -2.04
CA SER A 17 -4.24 -0.43 -2.33
C SER A 17 -3.53 -0.12 -3.64
N HIS A 18 -4.22 0.51 -4.58
CA HIS A 18 -3.62 0.85 -5.87
C HIS A 18 -3.00 2.23 -5.90
N GLY A 19 -3.46 3.14 -5.06
CA GLY A 19 -3.04 4.55 -5.09
C GLY A 19 -3.71 5.34 -6.19
N ILE A 20 -3.71 4.79 -7.40
CA ILE A 20 -4.25 5.46 -8.58
C ILE A 20 -4.84 4.40 -9.50
N MET A 21 -5.93 4.74 -10.17
CA MET A 21 -6.61 3.82 -11.09
C MET A 21 -7.12 4.59 -12.30
N GLU A 22 -7.05 3.97 -13.48
CA GLU A 22 -7.59 4.59 -14.70
C GLU A 22 -9.12 4.57 -14.69
N GLY A 23 -9.71 5.52 -15.43
CA GLY A 23 -11.13 5.78 -15.30
C GLY A 23 -12.02 4.59 -15.66
N SER A 24 -11.69 3.88 -16.74
CA SER A 24 -12.52 2.72 -17.11
C SER A 24 -12.43 1.62 -16.05
N ALA A 25 -11.25 1.44 -15.43
CA ALA A 25 -11.17 0.50 -14.32
C ALA A 25 -11.95 0.97 -13.09
N VAL A 26 -12.02 2.29 -12.87
CA VAL A 26 -12.79 2.83 -11.74
C VAL A 26 -14.28 2.61 -11.95
N ARG A 27 -14.77 2.81 -13.18
CA ARG A 27 -16.19 2.54 -13.43
C ARG A 27 -16.51 1.07 -13.19
N ALA A 28 -15.63 0.17 -13.60
CA ALA A 28 -15.86 -1.25 -13.37
C ALA A 28 -15.78 -1.58 -11.88
N LEU A 29 -14.86 -0.94 -11.16
CA LEU A 29 -14.76 -1.13 -9.72
C LEU A 29 -16.03 -0.66 -9.00
N HIS A 30 -16.54 0.51 -9.38
CA HIS A 30 -17.78 1.01 -8.81
C HIS A 30 -18.90 -0.01 -8.95
N ARG A 31 -19.08 -0.52 -10.17
CA ARG A 31 -20.11 -1.53 -10.43
C ARG A 31 -19.89 -2.75 -9.57
N HIS A 32 -18.65 -3.25 -9.52
CA HIS A 32 -18.38 -4.47 -8.77
C HIS A 32 -18.61 -4.27 -7.28
N CYS A 33 -18.23 -3.10 -6.74
CA CYS A 33 -18.47 -2.81 -5.33
C CYS A 33 -19.97 -2.80 -5.01
N CYS A 34 -20.78 -2.25 -5.92
CA CYS A 34 -22.22 -2.27 -5.69
C CYS A 34 -22.76 -3.69 -5.68
N GLU A 35 -22.29 -4.52 -6.61
CA GLU A 35 -22.79 -5.89 -6.67
C GLU A 35 -22.35 -6.70 -5.45
N LEU A 36 -21.10 -6.51 -4.99
CA LEU A 36 -20.59 -7.25 -3.85
C LEU A 36 -21.33 -6.93 -2.55
N HIS A 37 -22.03 -5.80 -2.48
CA HIS A 37 -22.64 -5.38 -1.22
C HIS A 37 -24.13 -5.07 -1.36
N LYS A 38 -24.75 -5.55 -2.44
CA LYS A 38 -26.20 -5.51 -2.59
C LYS A 38 -26.73 -4.09 -2.58
N VAL A 39 -25.97 -3.17 -3.20
CA VAL A 39 -26.36 -1.78 -3.39
C VAL A 39 -26.79 -1.64 -4.84
N HIS A 40 -27.91 -0.96 -5.08
CA HIS A 40 -28.39 -0.83 -6.45
C HIS A 40 -27.37 -0.06 -7.28
N TYR A 41 -26.85 -0.71 -8.33
CA TYR A 41 -25.82 -0.07 -9.17
C TYR A 41 -26.47 0.90 -10.12
N MET A 42 -26.04 2.17 -10.07
CA MET A 42 -26.55 3.22 -10.95
C MET A 42 -25.38 3.75 -11.77
N HIS A 43 -25.37 3.41 -13.06
CA HIS A 43 -24.27 3.80 -13.94
C HIS A 43 -24.10 5.31 -14.02
N ASP A 44 -25.12 6.09 -13.67
CA ASP A 44 -25.12 7.54 -13.83
C ASP A 44 -24.73 8.27 -12.56
N LYS A 45 -24.31 7.54 -11.51
CA LYS A 45 -24.11 8.17 -10.21
C LYS A 45 -22.69 7.98 -9.68
N LEU A 46 -21.69 7.81 -10.55
CA LEU A 46 -20.32 7.66 -10.06
C LEU A 46 -19.85 8.93 -9.35
N ASP A 47 -20.20 10.11 -9.87
CA ASP A 47 -19.76 11.36 -9.23
C ASP A 47 -20.32 11.47 -7.82
N ASP A 48 -21.60 11.16 -7.65
CA ASP A 48 -22.20 11.16 -6.32
C ASP A 48 -21.51 10.14 -5.42
N PHE A 49 -21.17 8.98 -5.98
CA PHE A 49 -20.52 7.91 -5.22
C PHE A 49 -19.17 8.37 -4.70
N VAL A 50 -18.33 8.91 -5.58
CA VAL A 50 -17.04 9.45 -5.16
C VAL A 50 -17.26 10.63 -4.23
N GLY A 51 -18.29 11.44 -4.49
CA GLY A 51 -18.58 12.58 -3.64
C GLY A 51 -18.93 12.20 -2.21
N VAL A 52 -19.63 11.08 -2.02
CA VAL A 52 -19.91 10.61 -0.67
C VAL A 52 -18.59 10.36 0.06
N LEU A 53 -17.69 9.62 -0.59
CA LEU A 53 -16.40 9.33 0.03
C LEU A 53 -15.65 10.62 0.35
N ASN A 54 -15.61 11.55 -0.60
CA ASN A 54 -14.80 12.75 -0.39
C ASN A 54 -15.34 13.61 0.74
N ARG A 55 -16.66 13.62 0.96
CA ARG A 55 -17.20 14.37 2.07
C ARG A 55 -16.70 13.83 3.39
N HIS A 56 -16.66 12.50 3.52
CA HIS A 56 -16.17 11.88 4.76
C HIS A 56 -14.64 11.91 4.85
N LEU A 57 -13.94 11.93 3.72
CA LEU A 57 -12.48 11.96 3.75
C LEU A 57 -11.93 13.36 4.02
N GLN A 58 -12.71 14.41 3.76
CA GLN A 58 -12.18 15.76 3.83
C GLN A 58 -11.57 16.12 5.19
N PRO A 59 -12.20 15.83 6.34
CA PRO A 59 -11.54 16.19 7.61
C PRO A 59 -10.34 15.32 7.94
N LEU A 60 -10.07 14.27 7.17
CA LEU A 60 -8.86 13.48 7.34
C LEU A 60 -7.74 13.95 6.43
N PHE A 61 -7.96 15.06 5.71
CA PHE A 61 -7.01 15.60 4.75
C PHE A 61 -6.63 14.57 3.70
N MET A 62 -7.64 13.83 3.24
CA MET A 62 -7.52 12.87 2.16
C MET A 62 -8.61 13.19 1.13
N THR A 63 -8.33 12.93 -0.14
CA THR A 63 -9.39 13.11 -1.13
C THR A 63 -9.13 12.19 -2.32
N ILE A 64 -10.20 11.85 -3.02
CA ILE A 64 -10.10 11.12 -4.27
C ILE A 64 -10.16 12.15 -5.38
N GLU A 65 -9.01 12.43 -6.00
CA GLU A 65 -8.88 13.42 -7.05
C GLU A 65 -8.99 12.78 -8.42
N LYS A 66 -9.38 13.58 -9.41
CA LYS A 66 -9.37 13.18 -10.81
C LYS A 66 -8.34 13.99 -11.59
N GLY A 67 -7.66 13.36 -12.53
CA GLY A 67 -6.70 14.04 -13.36
C GLY A 67 -6.59 13.34 -14.70
N VAL A 68 -5.77 13.92 -15.59
CA VAL A 68 -5.57 13.41 -16.94
C VAL A 68 -4.09 13.07 -17.13
N GLY A 69 -3.82 11.90 -17.71
CA GLY A 69 -2.45 11.51 -17.98
C GLY A 69 -1.85 12.38 -19.09
N GLU A 70 -0.65 12.92 -18.84
CA GLU A 70 -0.01 13.78 -19.83
C GLU A 70 0.26 13.03 -21.12
N GLU A 71 0.66 11.77 -21.02
CA GLU A 71 0.97 11.00 -22.22
C GLU A 71 -0.29 10.48 -22.88
N ASP A 72 -1.10 9.74 -22.15
CA ASP A 72 -2.16 8.95 -22.77
C ASP A 72 -3.51 9.67 -22.83
N GLY A 73 -3.66 10.84 -22.20
CA GLY A 73 -4.92 11.53 -22.22
C GLY A 73 -6.05 10.85 -21.48
N LEU A 74 -5.76 9.77 -20.76
CA LEU A 74 -6.78 9.05 -20.02
C LEU A 74 -7.08 9.73 -18.68
N THR A 75 -8.30 9.51 -18.18
CA THR A 75 -8.68 10.00 -16.86
C THR A 75 -8.22 9.02 -15.79
N TYR A 76 -7.67 9.58 -14.70
CA TYR A 76 -7.23 8.79 -13.55
C TYR A 76 -7.89 9.31 -12.28
N TYR A 77 -8.16 8.38 -11.35
CA TYR A 77 -8.58 8.70 -10.01
C TYR A 77 -7.46 8.32 -9.06
N ALA A 78 -7.16 9.19 -8.10
CA ALA A 78 -6.10 8.88 -7.13
C ALA A 78 -6.52 9.31 -5.73
N LEU A 79 -6.18 8.48 -4.74
CA LEU A 79 -6.36 8.82 -3.34
C LEU A 79 -5.11 9.57 -2.90
N VAL A 80 -5.27 10.86 -2.57
CA VAL A 80 -4.11 11.71 -2.31
C VAL A 80 -4.22 12.30 -0.91
N ASN A 81 -3.05 12.53 -0.31
CA ASN A 81 -2.94 13.25 0.94
C ASN A 81 -2.95 14.74 0.67
N ARG A 82 -3.49 15.51 1.61
CA ARG A 82 -3.70 16.94 1.36
C ARG A 82 -3.15 17.82 2.49
N VAL A 83 -2.31 17.28 3.38
CA VAL A 83 -1.78 18.09 4.47
C VAL A 83 -0.32 17.72 4.74
N GLU A 84 0.44 18.71 5.21
CA GLU A 84 1.82 18.49 5.63
C GLU A 84 1.87 18.83 7.12
N ASN A 85 2.03 17.82 7.97
CA ASN A 85 2.05 18.07 9.42
C ASN A 85 2.99 17.07 10.10
N ASP A 86 2.99 17.10 11.45
CA ASP A 86 3.88 16.23 12.21
C ASP A 86 3.51 14.75 12.04
N ILE A 87 2.23 14.47 11.82
CA ILE A 87 1.80 13.08 11.67
C ILE A 87 2.16 12.54 10.29
N THR A 88 1.98 13.34 9.24
CA THR A 88 2.30 12.82 7.91
C THR A 88 3.80 12.55 7.79
N LYS A 89 4.62 13.31 8.51
CA LYS A 89 6.05 13.05 8.49
C LYS A 89 6.42 11.71 9.12
N MET A 90 5.50 11.09 9.86
CA MET A 90 5.76 9.76 10.41
C MET A 90 5.62 8.65 9.38
N ALA A 91 5.31 8.96 8.12
CA ALA A 91 5.28 7.94 7.08
C ALA A 91 6.58 7.16 7.07
N SER A 92 6.49 5.85 6.80
CA SER A 92 7.63 4.95 6.95
C SER A 92 8.06 4.32 5.63
N ASP A 93 7.65 4.89 4.48
CA ASP A 93 7.96 4.28 3.21
C ASP A 93 9.45 4.42 2.86
N TYR A 94 10.00 5.61 3.05
CA TYR A 94 11.33 5.92 2.54
C TYR A 94 12.14 6.65 3.59
N ALA A 95 13.46 6.38 3.58
CA ALA A 95 14.37 7.03 4.49
C ALA A 95 14.65 8.47 4.05
N GLU A 96 15.28 9.24 4.94
CA GLU A 96 15.52 10.65 4.67
C GLU A 96 16.39 10.82 3.43
N ASN A 97 17.47 10.05 3.30
CA ASN A 97 18.33 10.24 2.14
C ASN A 97 17.63 9.79 0.86
N GLU A 98 16.77 8.78 0.96
CA GLU A 98 15.99 8.34 -0.20
C GLU A 98 15.03 9.43 -0.67
N LEU A 99 14.38 10.13 0.27
CA LEU A 99 13.47 11.20 -0.10
C LEU A 99 14.22 12.45 -0.56
N GLU A 100 15.44 12.67 -0.05
CA GLU A 100 16.25 13.74 -0.62
C GLU A 100 16.54 13.47 -2.10
N LEU A 101 16.86 12.22 -2.43
CA LEU A 101 17.13 11.91 -3.83
C LEU A 101 15.84 12.03 -4.64
N PHE A 102 14.69 11.62 -4.08
CA PHE A 102 13.44 11.81 -4.79
C PHE A 102 13.22 13.29 -5.10
N ARG A 103 13.46 14.17 -4.12
CA ARG A 103 13.21 15.59 -4.34
C ARG A 103 14.14 16.17 -5.40
N LYS A 104 15.43 15.78 -5.36
CA LYS A 104 16.36 16.30 -6.36
C LYS A 104 16.02 15.75 -7.75
N THR A 105 15.58 14.50 -7.83
CA THR A 105 15.17 13.93 -9.11
C THR A 105 13.93 14.64 -9.65
N MET A 106 12.94 14.85 -8.78
CA MET A 106 11.76 15.62 -9.15
C MET A 106 12.15 17.02 -9.64
N GLU A 107 13.08 17.67 -8.95
CA GLU A 107 13.50 19.00 -9.37
C GLU A 107 14.13 18.97 -10.76
N LEU A 108 14.98 17.98 -11.03
CA LEU A 108 15.56 17.87 -12.37
C LEU A 108 14.49 17.59 -13.43
N ILE A 109 13.52 16.74 -13.09
CA ILE A 109 12.42 16.46 -14.01
C ILE A 109 11.64 17.74 -14.30
N ILE A 110 11.40 18.55 -13.28
CA ILE A 110 10.65 19.80 -13.46
C ILE A 110 11.45 20.78 -14.32
N LEU A 111 12.76 20.84 -14.11
CA LEU A 111 13.62 21.77 -14.85
C LEU A 111 13.85 21.33 -16.29
N SER A 112 13.79 20.04 -16.56
CA SER A 112 14.22 19.56 -17.87
C SER A 112 13.23 19.95 -18.96
N ASP A 113 13.75 20.13 -20.19
CA ASP A 113 12.86 20.42 -21.30
C ASP A 113 11.96 19.24 -21.63
N ASN A 114 12.48 18.01 -21.53
CA ASN A 114 11.75 16.81 -21.91
C ASN A 114 10.84 16.26 -20.81
N GLY A 115 11.05 16.67 -19.57
CA GLY A 115 10.29 16.08 -18.48
C GLY A 115 10.78 14.73 -18.00
N PHE A 116 11.97 14.28 -18.45
CA PHE A 116 12.55 13.04 -17.98
C PHE A 116 13.95 13.27 -17.42
N ALA A 117 14.33 12.47 -16.43
CA ALA A 117 15.71 12.40 -15.93
C ALA A 117 16.32 11.07 -16.34
N THR A 118 17.60 11.07 -16.70
CA THR A 118 18.26 9.83 -17.10
C THR A 118 18.85 9.12 -15.89
N SER A 119 19.17 7.85 -16.05
CA SER A 119 19.82 7.11 -14.97
C SER A 119 21.13 7.78 -14.53
N ILE A 120 21.95 8.22 -15.48
CA ILE A 120 23.22 8.85 -15.08
C ILE A 120 22.95 10.13 -14.30
N SER A 121 21.96 10.90 -14.72
CA SER A 121 21.68 12.15 -14.00
C SER A 121 21.27 11.87 -12.56
N ILE A 122 20.50 10.80 -12.33
CA ILE A 122 20.08 10.47 -10.97
C ILE A 122 21.25 9.96 -10.15
N LEU A 123 22.14 9.18 -10.77
CA LEU A 123 23.35 8.74 -10.08
C LEU A 123 24.23 9.92 -9.70
N ASN A 124 24.29 10.95 -10.56
CA ASN A 124 25.08 12.13 -10.23
C ASN A 124 24.42 12.94 -9.12
N LEU A 125 23.09 13.08 -9.15
CA LEU A 125 22.39 13.71 -8.04
C LEU A 125 22.68 12.98 -6.73
N ALA A 126 22.68 11.66 -6.77
CA ALA A 126 22.90 10.88 -5.55
C ALA A 126 24.30 11.10 -5.01
N ASP A 127 25.27 11.25 -5.91
CA ASP A 127 26.63 11.47 -5.48
C ASP A 127 26.83 12.87 -4.90
N GLU A 128 25.90 13.80 -5.14
CA GLU A 128 25.99 15.16 -4.63
C GLU A 128 25.19 15.36 -3.35
N LEU A 129 24.45 14.35 -2.92
CA LEU A 129 23.64 14.45 -1.72
C LEU A 129 24.51 14.79 -0.51
N GLN A 130 23.96 15.62 0.36
CA GLN A 130 24.60 15.99 1.61
C GLN A 130 24.29 15.01 2.74
N SER A 131 23.49 13.98 2.48
CA SER A 131 23.12 12.98 3.47
C SER A 131 23.96 11.71 3.25
N LYS A 132 23.60 10.65 3.97
CA LYS A 132 24.30 9.38 3.88
C LYS A 132 24.33 8.88 2.44
N LYS A 133 25.52 8.55 1.94
CA LYS A 133 25.65 8.24 0.52
C LYS A 133 25.06 6.88 0.18
N MET A 134 24.53 6.78 -1.03
CA MET A 134 23.93 5.56 -1.56
C MET A 134 24.77 5.04 -2.71
N LYS A 135 25.00 3.73 -2.73
CA LYS A 135 25.69 3.09 -3.83
C LYS A 135 24.81 3.07 -5.08
N LYS A 136 25.44 2.82 -6.24
CA LYS A 136 24.67 2.64 -7.47
C LYS A 136 23.58 1.58 -7.32
N LYS A 137 23.93 0.43 -6.74
CA LYS A 137 22.95 -0.64 -6.58
C LYS A 137 21.76 -0.18 -5.75
N GLU A 138 22.03 0.58 -4.69
CA GLU A 138 20.95 1.09 -3.84
C GLU A 138 20.10 2.11 -4.59
N VAL A 139 20.72 2.95 -5.41
CA VAL A 139 19.93 3.90 -6.21
C VAL A 139 19.03 3.14 -7.18
N GLU A 140 19.57 2.10 -7.82
CA GLU A 140 18.76 1.35 -8.77
C GLU A 140 17.59 0.66 -8.10
N GLN A 141 17.83 0.08 -6.92
CA GLN A 141 16.73 -0.55 -6.18
C GLN A 141 15.71 0.48 -5.71
N LEU A 142 16.16 1.68 -5.34
CA LEU A 142 15.22 2.73 -4.92
C LEU A 142 14.36 3.18 -6.09
N LEU A 143 14.98 3.37 -7.25
CA LEU A 143 14.21 3.77 -8.43
C LEU A 143 13.17 2.71 -8.77
N GLN A 144 13.52 1.43 -8.62
CA GLN A 144 12.52 0.41 -8.92
C GLN A 144 11.36 0.47 -7.93
N SER A 145 11.63 0.83 -6.68
CA SER A 145 10.56 1.02 -5.72
C SER A 145 9.68 2.21 -6.10
N PHE A 146 10.29 3.35 -6.46
CA PHE A 146 9.51 4.51 -6.87
C PHE A 146 8.62 4.17 -8.06
N VAL A 147 9.10 3.31 -8.97
CA VAL A 147 8.27 2.91 -10.10
C VAL A 147 7.16 1.97 -9.65
N GLN A 148 7.50 0.99 -8.82
CA GLN A 148 6.51 0.04 -8.32
C GLN A 148 5.39 0.76 -7.55
N GLU A 149 5.75 1.77 -6.76
CA GLU A 149 4.75 2.50 -5.97
C GLU A 149 4.07 3.62 -6.75
N LYS A 150 4.37 3.76 -8.05
CA LYS A 150 3.73 4.75 -8.91
C LYS A 150 4.01 6.18 -8.46
N TRP A 151 5.24 6.45 -8.02
CA TRP A 151 5.70 7.83 -7.88
C TRP A 151 6.47 8.28 -9.11
N LEU A 152 7.19 7.37 -9.73
CA LEU A 152 7.87 7.65 -10.99
C LEU A 152 7.35 6.69 -12.05
N ILE A 153 7.50 7.11 -13.30
CA ILE A 153 7.28 6.28 -14.48
C ILE A 153 8.63 6.10 -15.13
N GLY A 154 8.98 4.88 -15.49
CA GLY A 154 10.30 4.57 -16.01
C GLY A 154 10.23 3.98 -17.41
N ARG A 155 11.09 4.47 -18.29
CA ARG A 155 11.11 4.02 -19.68
C ARG A 155 12.54 4.04 -20.17
N ASN A 156 13.14 2.85 -20.35
CA ASN A 156 14.47 2.73 -20.94
C ASN A 156 15.53 3.46 -20.10
N GLY A 157 15.38 3.40 -18.78
CA GLY A 157 16.32 4.09 -17.93
C GLY A 157 16.12 5.59 -17.85
N GLU A 158 14.98 6.09 -18.28
CA GLU A 158 14.62 7.48 -18.07
C GLU A 158 13.33 7.53 -17.26
N TYR A 159 13.21 8.57 -16.43
CA TYR A 159 12.17 8.64 -15.42
C TYR A 159 11.44 9.97 -15.49
N THR A 160 10.11 9.91 -15.40
CA THR A 160 9.33 11.13 -15.20
C THR A 160 8.41 10.90 -14.00
N LEU A 161 7.72 11.94 -13.59
CA LEU A 161 6.76 11.82 -12.49
C LEU A 161 5.55 11.03 -12.97
N HIS A 162 5.07 10.11 -12.11
CA HIS A 162 3.83 9.41 -12.41
C HIS A 162 2.65 10.38 -12.35
N THR A 163 1.58 10.08 -13.09
CA THR A 163 0.34 10.85 -12.94
C THR A 163 -0.06 10.97 -11.47
N ARG A 164 0.08 9.88 -10.71
CA ARG A 164 -0.25 9.92 -9.28
C ARG A 164 0.55 11.00 -8.57
N CYS A 165 1.84 11.11 -8.89
CA CYS A 165 2.69 12.08 -8.23
C CYS A 165 2.27 13.51 -8.58
N ILE A 166 2.01 13.77 -9.87
CA ILE A 166 1.56 15.11 -10.26
C ILE A 166 0.24 15.45 -9.59
N MET A 167 -0.69 14.50 -9.53
CA MET A 167 -1.98 14.76 -8.91
C MET A 167 -1.82 15.13 -7.44
N GLU A 168 -0.99 14.38 -6.71
CA GLU A 168 -0.85 14.69 -5.28
C GLU A 168 -0.02 15.95 -5.04
N LEU A 169 1.03 16.15 -5.83
CA LEU A 169 2.00 17.22 -5.59
C LEU A 169 1.76 18.46 -6.44
N GLU A 170 0.63 18.54 -7.14
CA GLU A 170 0.34 19.66 -8.05
C GLU A 170 0.59 21.01 -7.39
N HIS A 171 0.00 21.23 -6.21
CA HIS A 171 0.12 22.54 -5.59
C HIS A 171 1.44 22.70 -4.86
N TYR A 172 1.97 21.60 -4.31
CA TYR A 172 3.30 21.64 -3.73
C TYR A 172 4.33 22.11 -4.77
N ILE A 173 4.27 21.55 -5.97
CA ILE A 173 5.20 21.92 -7.04
C ILE A 173 5.01 23.39 -7.42
N ARG A 174 3.75 23.83 -7.57
CA ARG A 174 3.47 25.21 -7.97
C ARG A 174 4.10 26.19 -7.00
N ASN A 175 4.11 25.87 -5.71
CA ASN A 175 4.60 26.79 -4.69
C ASN A 175 6.08 26.61 -4.38
N THR A 176 6.54 25.36 -4.29
CA THR A 176 7.94 25.11 -3.96
C THR A 176 8.87 25.44 -5.13
N TYR A 177 8.38 25.30 -6.36
CA TYR A 177 9.19 25.52 -7.55
C TYR A 177 8.60 26.60 -8.43
N GLN A 178 8.01 27.64 -7.82
CA GLN A 178 7.30 28.65 -8.61
C GLN A 178 8.20 29.33 -9.63
N ASP A 179 9.50 29.42 -9.34
CA ASP A 179 10.43 30.07 -10.26
C ASP A 179 10.67 29.25 -11.53
N VAL A 180 10.45 27.93 -11.49
CA VAL A 180 10.90 27.06 -12.56
C VAL A 180 9.84 26.11 -13.08
N ALA A 181 8.76 25.83 -12.33
CA ALA A 181 7.78 24.86 -12.80
C ALA A 181 7.05 25.39 -14.03
N LYS A 182 6.82 24.51 -14.99
CA LYS A 182 6.07 24.87 -16.19
C LYS A 182 4.59 24.94 -15.85
N ILE A 183 3.97 26.08 -16.12
CA ILE A 183 2.53 26.26 -15.97
C ILE A 183 1.93 26.40 -17.37
N CYS A 184 1.10 25.43 -17.76
CA CYS A 184 0.54 25.41 -19.12
C CYS A 184 -0.19 26.70 -19.42
N ASN A 185 0.13 27.30 -20.57
CA ASN A 185 -0.45 28.60 -20.89
C ASN A 185 -1.95 28.49 -21.18
N VAL A 186 -2.43 27.30 -21.51
CA VAL A 186 -3.84 27.11 -21.85
C VAL A 186 -4.67 26.73 -20.63
N CYS A 187 -4.28 25.70 -19.89
CA CYS A 187 -5.09 25.23 -18.77
C CYS A 187 -4.61 25.71 -17.42
N ARG A 188 -3.41 26.30 -17.34
CA ARG A 188 -2.83 26.89 -16.13
C ARG A 188 -2.52 25.86 -15.05
N LYS A 189 -2.33 24.60 -15.43
CA LYS A 189 -1.90 23.56 -14.51
C LYS A 189 -0.44 23.19 -14.78
N VAL A 190 0.20 22.59 -13.77
CA VAL A 190 1.58 22.13 -13.91
C VAL A 190 1.70 21.22 -15.13
N ALA A 191 2.76 21.43 -15.90
CA ALA A 191 3.11 20.54 -17.00
C ALA A 191 4.49 19.99 -16.74
N ILE A 192 4.63 18.67 -16.82
CA ILE A 192 5.94 18.04 -16.70
C ILE A 192 6.46 17.77 -18.11
N GLN A 193 5.70 17.03 -18.91
CA GLN A 193 5.96 16.94 -20.34
C GLN A 193 5.15 18.03 -21.05
N SER A 194 5.76 18.66 -22.04
CA SER A 194 5.15 19.84 -22.65
C SER A 194 5.77 20.08 -24.01
N GLN A 195 5.13 20.95 -24.78
CA GLN A 195 5.76 21.63 -25.90
C GLN A 195 6.10 23.04 -25.50
N LEU A 196 7.34 23.46 -25.73
CA LEU A 196 7.80 24.78 -25.34
C LEU A 196 7.92 25.68 -26.57
N CYS A 197 7.53 26.95 -26.42
CA CYS A 197 7.91 27.93 -27.41
C CYS A 197 9.43 28.07 -27.41
N GLU A 198 10.04 27.93 -28.58
CA GLU A 198 11.49 28.02 -28.61
C GLU A 198 11.98 29.45 -28.61
N ASN A 199 11.07 30.41 -28.78
CA ASN A 199 11.44 31.82 -28.69
C ASN A 199 11.29 32.36 -27.27
N CYS A 200 10.13 32.17 -26.63
CA CYS A 200 9.87 32.76 -25.32
C CYS A 200 9.76 31.75 -24.19
N GLY A 201 9.73 30.45 -24.49
CA GLY A 201 9.82 29.44 -23.45
C GLY A 201 8.51 29.02 -22.79
N ILE A 202 7.37 29.57 -23.18
CA ILE A 202 6.14 29.21 -22.48
C ILE A 202 5.77 27.77 -22.81
N PRO A 203 5.16 27.06 -21.88
CA PRO A 203 4.84 25.65 -22.12
C PRO A 203 3.36 25.43 -22.41
N LEU A 204 3.06 24.40 -23.21
CA LEU A 204 1.72 23.87 -23.33
C LEU A 204 1.76 22.36 -23.12
N HIS A 205 0.77 21.81 -22.42
CA HIS A 205 0.60 20.36 -22.43
C HIS A 205 0.43 19.88 -23.87
N LEU A 206 0.88 18.66 -24.13
CA LEU A 206 0.74 18.11 -25.48
C LEU A 206 -0.73 18.03 -25.89
N GLN A 207 -1.60 17.62 -24.98
CA GLN A 207 -3.03 17.60 -25.28
C GLN A 207 -3.58 19.01 -25.44
N CYS A 208 -3.06 19.97 -24.68
CA CYS A 208 -3.56 21.33 -24.81
C CYS A 208 -3.08 21.99 -26.09
N ALA A 209 -1.88 21.64 -26.56
CA ALA A 209 -1.43 22.15 -27.86
C ALA A 209 -2.30 21.62 -28.99
N GLY A 210 -2.67 20.34 -28.92
CA GLY A 210 -3.56 19.78 -29.95
C GLY A 210 -4.90 20.47 -30.00
N LYS A 211 -5.45 20.81 -28.84
CA LYS A 211 -6.73 21.52 -28.82
C LYS A 211 -6.58 22.96 -29.30
N TYR A 212 -5.64 23.70 -28.69
CA TYR A 212 -5.53 25.14 -28.96
C TYR A 212 -5.19 25.40 -30.43
N PHE A 213 -4.35 24.57 -31.02
CA PHE A 213 -3.90 24.78 -32.40
C PHE A 213 -4.73 24.01 -33.42
N HIS A 214 -5.87 23.46 -33.02
CA HIS A 214 -6.69 22.68 -33.96
C HIS A 214 -7.63 23.59 -34.75
N LYS A 216 -5.61 24.91 -37.76
CA LYS A 216 -4.83 26.12 -38.01
C LYS A 216 -3.57 25.81 -38.81
N ALA A 217 -3.43 26.48 -39.96
CA ALA A 217 -2.32 26.21 -40.87
C ALA A 217 -1.08 27.07 -40.58
N ASN A 218 -1.22 28.12 -39.78
CA ASN A 218 -0.10 28.99 -39.39
C ASN A 218 -0.17 29.22 -37.89
N PRO A 219 0.09 28.19 -37.08
CA PRO A 219 -0.09 28.34 -35.64
C PRO A 219 1.00 29.20 -35.03
N THR A 220 0.61 30.07 -34.11
CA THR A 220 1.52 31.00 -33.47
C THR A 220 1.41 30.90 -31.96
N CYS A 221 2.52 31.22 -31.29
CA CYS A 221 2.60 31.14 -29.83
C CYS A 221 1.63 32.13 -29.19
N PRO A 222 0.82 31.71 -28.22
CA PRO A 222 -0.15 32.63 -27.60
C PRO A 222 0.49 33.74 -26.78
N ASN A 223 1.81 33.67 -26.53
CA ASN A 223 2.49 34.64 -25.69
C ASN A 223 3.36 35.61 -26.47
N CYS A 224 4.11 35.13 -27.46
CA CYS A 224 5.02 35.98 -28.23
C CYS A 224 4.67 36.05 -29.71
N ASN A 225 3.65 35.31 -30.16
CA ASN A 225 3.14 35.32 -31.53
C ASN A 225 4.12 34.79 -32.58
N GLU A 226 5.28 34.27 -32.18
CA GLU A 226 6.13 33.57 -33.13
C GLU A 226 5.45 32.29 -33.59
N SER A 227 5.73 31.87 -34.82
CA SER A 227 5.09 30.66 -35.33
C SER A 227 5.51 29.47 -34.49
N TRP A 228 4.55 28.59 -34.22
CA TRP A 228 4.78 27.44 -33.35
C TRP A 228 5.67 26.42 -34.05
N PRO A 229 6.82 26.06 -33.49
CA PRO A 229 7.77 25.20 -34.20
C PRO A 229 7.42 23.72 -34.19
N HIS A 230 6.51 23.27 -33.33
CA HIS A 230 6.25 21.85 -33.15
C HIS A 230 5.04 21.41 -33.96
N GLU A 231 4.93 20.10 -34.12
CA GLU A 231 3.78 19.50 -34.80
C GLU A 231 2.60 19.41 -33.83
N ILE A 232 1.40 19.66 -34.35
CA ILE A 232 0.19 19.63 -33.52
C ILE A 232 -0.31 18.20 -33.35
N HIS B 4 -13.13 22.30 26.58
CA HIS B 4 -12.81 21.74 25.26
C HIS B 4 -13.88 22.06 24.22
N SER B 5 -13.55 22.91 23.26
CA SER B 5 -14.48 23.21 22.18
C SER B 5 -14.65 21.99 21.28
N GLN B 6 -15.86 21.85 20.73
CA GLN B 6 -16.13 20.72 19.84
C GLN B 6 -15.30 20.81 18.57
N GLU B 7 -14.91 22.02 18.15
CA GLU B 7 -14.04 22.16 16.99
C GLU B 7 -12.66 21.56 17.25
N GLN B 8 -12.05 21.91 18.38
CA GLN B 8 -10.73 21.37 18.69
C GLN B 8 -10.78 19.86 18.92
N VAL B 9 -11.87 19.35 19.51
CA VAL B 9 -12.01 17.91 19.70
C VAL B 9 -12.18 17.20 18.36
N ASN B 10 -12.99 17.77 17.45
CA ASN B 10 -13.11 17.22 16.10
C ASN B 10 -11.75 17.13 15.43
N LEU B 11 -10.94 18.18 15.55
CA LEU B 11 -9.62 18.18 14.93
C LEU B 11 -8.76 17.06 15.49
N LYS B 12 -8.82 16.84 16.81
CA LYS B 12 -8.03 15.77 17.42
C LYS B 12 -8.47 14.41 16.90
N VAL B 13 -9.78 14.22 16.73
CA VAL B 13 -10.27 12.94 16.21
C VAL B 13 -9.67 12.65 14.85
N GLY B 14 -9.70 13.65 13.96
CA GLY B 14 -9.10 13.46 12.65
C GLY B 14 -7.62 13.14 12.71
N GLU B 15 -6.90 13.79 13.63
CA GLU B 15 -5.48 13.50 13.78
C GLU B 15 -5.24 12.07 14.25
N VAL B 16 -6.08 11.58 15.17
CA VAL B 16 -5.93 10.20 15.62
C VAL B 16 -6.16 9.22 14.48
N VAL B 17 -7.19 9.49 13.65
CA VAL B 17 -7.42 8.62 12.49
C VAL B 17 -6.21 8.62 11.58
N GLN B 18 -5.67 9.81 11.30
CA GLN B 18 -4.47 9.87 10.45
C GLN B 18 -3.33 9.08 11.06
N TYR B 19 -3.14 9.21 12.37
CA TYR B 19 -2.05 8.52 13.06
C TYR B 19 -2.24 7.00 12.97
N LEU B 20 -3.48 6.54 13.17
CA LEU B 20 -3.72 5.10 13.10
C LEU B 20 -3.40 4.54 11.71
N LEU B 21 -3.83 5.24 10.65
CA LEU B 21 -3.52 4.80 9.30
C LEU B 21 -2.02 4.78 9.06
N ILE B 22 -1.33 5.85 9.45
CA ILE B 22 0.09 5.95 9.14
C ILE B 22 0.90 4.95 9.95
N LYS B 23 0.53 4.75 11.23
CA LYS B 23 1.22 3.76 12.03
C LYS B 23 0.86 2.32 11.67
N ASP B 24 -0.12 2.09 10.78
CA ASP B 24 -0.42 0.75 10.32
C ASP B 24 0.39 0.37 9.09
N GLN B 25 1.19 1.30 8.54
CA GLN B 25 1.76 1.10 7.21
C GLN B 25 2.59 -0.17 7.11
N LYS B 26 3.30 -0.56 8.17
CA LYS B 26 4.10 -1.78 8.16
C LYS B 26 3.56 -2.84 9.10
N LYS B 27 2.29 -2.73 9.48
CA LYS B 27 1.60 -3.70 10.33
C LYS B 27 2.30 -3.90 11.67
N LEU B 28 2.98 -2.86 12.15
CA LEU B 28 3.40 -2.87 13.54
C LEU B 28 2.24 -2.45 14.44
N PRO B 29 1.99 -3.14 15.54
CA PRO B 29 0.88 -2.76 16.41
C PRO B 29 1.06 -1.35 16.96
N ILE B 30 -0.04 -0.77 17.42
CA ILE B 30 -0.10 0.63 17.80
C ILE B 30 -0.47 0.71 19.28
N LYS B 31 0.42 1.24 20.11
CA LYS B 31 0.14 1.31 21.55
C LYS B 31 -0.88 2.40 21.84
N ARG B 32 -1.91 2.07 22.65
CA ARG B 32 -2.82 3.13 23.13
C ARG B 32 -2.05 4.27 23.76
N ALA B 33 -1.02 3.94 24.57
CA ALA B 33 -0.29 4.99 25.26
C ALA B 33 0.40 5.96 24.29
N ASP B 34 0.81 5.47 23.11
CA ASP B 34 1.42 6.35 22.12
C ASP B 34 0.38 7.23 21.43
N ILE B 35 -0.80 6.68 21.13
CA ILE B 35 -1.89 7.53 20.64
C ILE B 35 -2.14 8.67 21.61
N VAL B 36 -2.28 8.35 22.89
CA VAL B 36 -2.65 9.38 23.86
C VAL B 36 -1.53 10.41 24.02
N ARG B 37 -0.29 9.94 24.12
CA ARG B 37 0.84 10.84 24.39
C ARG B 37 1.20 11.67 23.17
N SER B 38 1.30 11.05 22.00
CA SER B 38 1.82 11.70 20.81
C SER B 38 0.78 12.51 20.05
N VAL B 39 -0.49 12.14 20.14
CA VAL B 39 -1.54 12.82 19.40
C VAL B 39 -2.51 13.56 20.32
N ILE B 40 -3.07 12.86 21.32
CA ILE B 40 -4.18 13.47 22.05
C ILE B 40 -3.69 14.56 22.99
N LYS B 41 -2.49 14.40 23.56
CA LYS B 41 -1.79 15.46 24.27
C LYS B 41 -2.66 16.08 25.37
N GLU B 42 -2.94 17.38 25.29
CA GLU B 42 -3.63 18.02 26.41
C GLU B 42 -5.12 17.69 26.48
N TYR B 43 -5.64 16.89 25.55
CA TYR B 43 -7.01 16.40 25.61
C TYR B 43 -7.11 15.00 26.23
N LYS B 44 -6.08 14.58 26.95
CA LYS B 44 -6.07 13.22 27.47
C LYS B 44 -7.18 12.95 28.49
N ASP B 45 -7.73 14.00 29.11
CA ASP B 45 -8.85 13.80 30.03
C ASP B 45 -10.07 13.21 29.33
N ILE B 46 -10.18 13.39 28.02
CA ILE B 46 -11.28 12.80 27.26
C ILE B 46 -10.74 11.85 26.18
N TYR B 47 -9.63 11.18 26.46
CA TYR B 47 -9.10 10.28 25.44
C TYR B 47 -10.04 9.13 25.11
N PRO B 48 -10.81 8.55 26.04
CA PRO B 48 -11.73 7.48 25.60
C PRO B 48 -12.73 7.95 24.56
N GLU B 49 -13.29 9.17 24.71
CA GLU B 49 -14.20 9.69 23.68
C GLU B 49 -13.48 9.90 22.36
N ILE B 50 -12.25 10.40 22.42
CA ILE B 50 -11.56 10.73 21.17
C ILE B 50 -11.21 9.46 20.40
N ILE B 51 -10.66 8.46 21.07
CA ILE B 51 -10.37 7.19 20.40
C ILE B 51 -11.65 6.51 19.94
N HIS B 52 -12.74 6.66 20.71
CA HIS B 52 -14.02 6.12 20.26
C HIS B 52 -14.46 6.76 18.94
N ARG B 53 -14.41 8.09 18.87
CA ARG B 53 -14.84 8.74 17.64
C ARG B 53 -13.93 8.38 16.46
N ALA B 54 -12.63 8.20 16.72
CA ALA B 54 -11.72 7.77 15.65
C ALA B 54 -12.05 6.34 15.22
N GLN B 55 -12.34 5.47 16.18
CA GLN B 55 -12.73 4.11 15.85
C GLN B 55 -13.98 4.09 14.98
N ILE B 56 -14.96 4.93 15.32
CA ILE B 56 -16.20 4.97 14.54
C ILE B 56 -15.92 5.48 13.13
N THR B 57 -15.05 6.48 12.99
CA THR B 57 -14.69 6.97 11.65
C THR B 57 -14.06 5.86 10.82
N LEU B 58 -13.14 5.09 11.41
CA LEU B 58 -12.48 4.03 10.66
C LEU B 58 -13.47 2.95 10.25
N GLN B 59 -14.43 2.62 11.13
CA GLN B 59 -15.48 1.66 10.76
C GLN B 59 -16.34 2.19 9.62
N GLN B 60 -16.82 3.41 9.74
CA GLN B 60 -17.84 3.93 8.83
C GLN B 60 -17.25 4.30 7.48
N VAL B 61 -16.06 4.89 7.46
CA VAL B 61 -15.50 5.37 6.20
C VAL B 61 -14.69 4.30 5.49
N PHE B 62 -13.90 3.53 6.24
CA PHE B 62 -12.96 2.59 5.64
C PHE B 62 -13.39 1.14 5.73
N GLY B 63 -14.35 0.81 6.59
CA GLY B 63 -14.61 -0.60 6.84
C GLY B 63 -13.49 -1.27 7.61
N PHE B 64 -12.82 -0.53 8.50
CA PHE B 64 -11.73 -1.03 9.32
C PHE B 64 -12.19 -1.13 10.77
N GLN B 65 -11.77 -2.19 11.44
CA GLN B 65 -12.10 -2.45 12.84
C GLN B 65 -10.85 -2.28 13.69
N LEU B 66 -10.94 -1.48 14.74
CA LEU B 66 -9.87 -1.39 15.72
C LEU B 66 -9.99 -2.57 16.69
N GLU B 67 -8.90 -3.31 16.88
CA GLU B 67 -8.93 -4.46 17.78
C GLU B 67 -7.72 -4.43 18.71
N GLU B 68 -7.96 -4.73 19.99
CA GLU B 68 -6.87 -4.81 20.96
C GLU B 68 -6.31 -6.24 20.92
N ILE B 69 -5.01 -6.38 20.68
CA ILE B 69 -4.42 -7.72 20.62
C ILE B 69 -3.63 -8.08 21.87
N ASP B 70 -3.32 -7.11 22.73
CA ASP B 70 -2.75 -7.38 24.04
C ASP B 70 -3.50 -6.55 25.06
N THR B 71 -4.19 -7.24 25.99
CA THR B 71 -5.01 -6.53 26.97
C THR B 71 -4.17 -5.85 28.04
N LYS B 72 -2.97 -6.36 28.31
CA LYS B 72 -2.14 -5.80 29.38
C LYS B 72 -1.43 -4.53 28.93
N SER B 73 -0.87 -4.52 27.72
CA SER B 73 -0.18 -3.34 27.20
C SER B 73 -1.08 -2.45 26.35
N HIS B 74 -2.33 -2.86 26.13
CA HIS B 74 -3.30 -2.13 25.32
C HIS B 74 -2.67 -1.69 24.00
N ILE B 75 -2.39 -2.67 23.15
CA ILE B 75 -1.89 -2.40 21.81
C ILE B 75 -2.95 -2.81 20.80
N TYR B 76 -3.11 -1.98 19.77
CA TYR B 76 -4.19 -2.12 18.79
C TYR B 76 -3.65 -2.51 17.44
N ILE B 77 -4.52 -3.14 16.63
CA ILE B 77 -4.30 -3.31 15.20
C ILE B 77 -5.58 -2.91 14.48
N LEU B 78 -5.50 -2.85 13.15
CA LEU B 78 -6.67 -2.60 12.32
C LEU B 78 -6.96 -3.85 11.51
N THR B 79 -8.19 -4.36 11.59
CA THR B 79 -8.60 -5.52 10.80
C THR B 79 -9.75 -5.12 9.87
N ASN B 80 -10.04 -5.99 8.90
CA ASN B 80 -10.99 -5.65 7.85
C ASN B 80 -12.39 -6.12 8.22
N LYS B 81 -13.36 -5.23 8.11
CA LYS B 81 -14.76 -5.61 8.31
C LYS B 81 -15.38 -6.19 7.04
N LEU B 82 -14.72 -6.06 5.91
CA LEU B 82 -15.21 -6.56 4.64
C LEU B 82 -14.54 -7.88 4.31
N GLN B 83 -15.33 -8.82 3.81
CA GLN B 83 -14.77 -10.12 3.45
C GLN B 83 -13.87 -9.99 2.24
N ARG B 84 -12.63 -10.45 2.37
CA ARG B 84 -11.71 -10.43 1.25
C ARG B 84 -12.05 -11.58 0.32
N VAL B 85 -12.26 -11.26 -0.95
CA VAL B 85 -12.67 -12.24 -1.95
C VAL B 85 -11.82 -12.08 -3.21
N GLN B 86 -11.72 -13.16 -3.97
CA GLN B 86 -11.18 -13.04 -5.32
C GLN B 86 -11.93 -11.94 -6.06
N GLY B 87 -11.19 -11.01 -6.66
CA GLY B 87 -11.80 -9.96 -7.45
C GLY B 87 -12.27 -8.75 -6.65
N ASP B 88 -11.89 -8.64 -5.38
CA ASP B 88 -12.39 -7.51 -4.58
C ASP B 88 -11.72 -6.19 -4.95
N GLY B 89 -10.81 -6.16 -5.93
CA GLY B 89 -10.22 -4.93 -6.40
C GLY B 89 -8.86 -4.60 -5.79
N MET B 90 -8.38 -5.38 -4.84
CA MET B 90 -7.14 -5.05 -4.14
C MET B 90 -5.91 -5.39 -4.99
N ARG B 91 -4.89 -4.54 -4.87
CA ARG B 91 -3.66 -4.75 -5.64
C ARG B 91 -2.90 -5.98 -5.16
N VAL B 92 -2.34 -6.72 -6.12
CA VAL B 92 -1.44 -7.85 -5.86
C VAL B 92 -0.01 -7.34 -5.91
N ASP B 93 0.71 -7.49 -4.81
CA ASP B 93 2.06 -6.91 -4.71
C ASP B 93 2.95 -7.84 -3.87
N GLU B 94 4.06 -7.30 -3.36
CA GLU B 94 5.02 -8.12 -2.64
C GLU B 94 4.45 -8.58 -1.29
N ASN B 95 3.55 -7.79 -0.69
CA ASN B 95 2.92 -8.25 0.54
C ASN B 95 1.96 -9.40 0.28
N THR B 96 1.47 -9.55 -0.94
CA THR B 96 0.71 -10.73 -1.28
C THR B 96 1.58 -11.98 -1.16
N SER B 97 2.77 -11.95 -1.76
CA SER B 97 3.66 -13.11 -1.67
C SER B 97 4.03 -13.43 -0.23
N LYS B 98 4.27 -12.40 0.59
CA LYS B 98 4.63 -12.64 1.98
C LYS B 98 3.51 -13.35 2.73
N LEU B 99 2.24 -13.03 2.40
CA LEU B 99 1.15 -13.71 3.09
C LEU B 99 1.06 -15.17 2.69
N GLY B 100 1.40 -15.49 1.44
CA GLY B 100 1.50 -16.90 1.05
C GLY B 100 2.50 -17.64 1.92
N LEU B 101 3.68 -17.05 2.13
CA LEU B 101 4.68 -17.70 2.97
C LEU B 101 4.19 -17.82 4.42
N LEU B 102 3.62 -16.73 4.94
CA LEU B 102 3.14 -16.78 6.32
C LEU B 102 2.07 -17.85 6.50
N MET B 103 1.16 -17.96 5.52
CA MET B 103 0.08 -18.94 5.67
C MET B 103 0.62 -20.36 5.72
N VAL B 104 1.67 -20.64 4.96
CA VAL B 104 2.28 -21.96 4.98
C VAL B 104 2.87 -22.24 6.36
N ILE B 105 3.50 -21.24 6.96
CA ILE B 105 4.08 -21.39 8.29
C ILE B 105 2.99 -21.54 9.35
N LEU B 106 1.96 -20.70 9.28
CA LEU B 106 0.85 -20.84 10.22
C LEU B 106 0.21 -22.21 10.10
N SER B 107 0.13 -22.74 8.87
CA SER B 107 -0.47 -24.05 8.65
C SER B 107 0.31 -25.13 9.37
N LEU B 108 1.63 -25.15 9.23
CA LEU B 108 2.42 -26.18 9.89
C LEU B 108 2.26 -26.10 11.40
N ILE B 109 2.33 -24.89 11.96
CA ILE B 109 2.21 -24.72 13.39
C ILE B 109 0.88 -25.26 13.89
N PHE B 110 -0.22 -24.83 13.26
CA PHE B 110 -1.54 -25.26 13.71
C PHE B 110 -1.74 -26.76 13.51
N MET B 111 -1.35 -27.28 12.34
CA MET B 111 -1.65 -28.68 12.03
C MET B 111 -0.85 -29.63 12.91
N LYS B 112 0.28 -29.18 13.44
CA LYS B 112 1.13 -29.95 14.35
C LYS B 112 0.86 -29.63 15.82
N GLY B 113 -0.33 -29.13 16.14
CA GLY B 113 -0.69 -28.95 17.53
C GLY B 113 -0.37 -27.60 18.13
N ASN B 114 -0.23 -26.56 17.32
CA ASN B 114 -0.12 -25.15 17.70
C ASN B 114 1.27 -24.75 18.17
N THR B 115 2.29 -25.58 17.92
CA THR B 115 3.68 -25.20 18.11
C THR B 115 4.50 -25.96 17.07
N ALA B 116 5.57 -25.34 16.60
CA ALA B 116 6.50 -25.99 15.69
C ALA B 116 7.92 -25.55 16.00
N LYS B 117 8.86 -26.49 16.02
CA LYS B 117 10.25 -26.13 16.19
C LYS B 117 10.74 -25.36 14.96
N GLU B 118 11.66 -24.42 15.20
CA GLU B 118 12.25 -23.68 14.08
C GLU B 118 12.84 -24.64 13.05
N SER B 119 13.47 -25.73 13.50
CA SER B 119 14.06 -26.68 12.57
C SER B 119 13.01 -27.30 11.66
N ALA B 120 11.83 -27.61 12.21
CA ALA B 120 10.77 -28.18 11.40
C ALA B 120 10.28 -27.19 10.35
N ILE B 121 10.25 -25.90 10.68
CA ILE B 121 9.79 -24.91 9.72
C ILE B 121 10.78 -24.77 8.56
N TRP B 122 12.08 -24.68 8.85
CA TRP B 122 13.03 -24.57 7.75
C TRP B 122 13.11 -25.86 6.94
N GLU B 123 12.90 -27.01 7.59
CA GLU B 123 12.90 -28.27 6.86
C GLU B 123 11.77 -28.30 5.82
N MET B 124 10.56 -27.90 6.24
CA MET B 124 9.44 -27.77 5.31
C MET B 124 9.76 -26.77 4.21
N LEU B 125 10.20 -25.56 4.59
CA LEU B 125 10.40 -24.51 3.59
C LEU B 125 11.50 -24.87 2.59
N ARG B 126 12.45 -25.72 2.98
CA ARG B 126 13.48 -26.13 2.01
C ARG B 126 12.87 -26.80 0.80
N ARG B 127 11.81 -27.60 1.01
CA ARG B 127 11.14 -28.24 -0.11
C ARG B 127 10.41 -27.23 -1.00
N LEU B 128 10.15 -26.03 -0.50
CA LEU B 128 9.64 -24.94 -1.30
C LEU B 128 10.75 -24.04 -1.84
N ARG B 129 12.00 -24.52 -1.79
CA ARG B 129 13.17 -23.86 -2.36
C ARG B 129 13.50 -22.56 -1.61
N ILE B 130 13.35 -22.60 -0.30
CA ILE B 130 13.71 -21.51 0.59
C ILE B 130 14.80 -21.99 1.54
N GLU B 131 15.85 -21.19 1.69
CA GLU B 131 16.93 -21.49 2.63
C GLU B 131 17.17 -20.26 3.51
N PRO B 132 17.25 -20.42 4.83
CA PRO B 132 17.38 -19.24 5.70
C PRO B 132 18.62 -18.40 5.41
N GLY B 133 19.68 -19.00 4.90
CA GLY B 133 20.94 -18.32 4.70
C GLY B 133 21.23 -17.84 3.29
N GLU B 134 20.35 -18.10 2.33
CA GLU B 134 20.55 -17.66 0.95
C GLU B 134 19.48 -16.64 0.56
N MET B 135 19.91 -15.55 -0.07
CA MET B 135 18.96 -14.58 -0.59
C MET B 135 17.98 -15.27 -1.53
N HIS B 136 16.71 -14.92 -1.39
CA HIS B 136 15.62 -15.53 -2.14
C HIS B 136 15.13 -14.55 -3.19
N SER B 137 14.77 -15.07 -4.37
CA SER B 137 14.39 -14.19 -5.47
C SER B 137 13.11 -13.42 -5.16
N GLU B 138 12.24 -13.98 -4.32
CA GLU B 138 11.00 -13.31 -3.93
C GLU B 138 11.10 -12.55 -2.62
N PHE B 139 11.73 -13.14 -1.60
CA PHE B 139 11.68 -12.64 -0.25
C PHE B 139 12.99 -12.06 0.27
N GLY B 140 14.09 -12.23 -0.46
CA GLY B 140 15.35 -11.70 0.02
C GLY B 140 15.89 -12.44 1.22
N ASP B 141 16.06 -11.74 2.34
CA ASP B 141 16.53 -12.34 3.58
C ASP B 141 15.35 -13.00 4.28
N VAL B 142 15.17 -14.31 4.06
CA VAL B 142 13.99 -15.00 4.60
C VAL B 142 14.12 -15.27 6.08
N LYS B 143 15.35 -15.46 6.57
CA LYS B 143 15.58 -15.56 8.00
C LYS B 143 15.05 -14.32 8.73
N LYS B 144 15.36 -13.14 8.19
CA LYS B 144 14.89 -11.91 8.82
C LYS B 144 13.38 -11.74 8.64
N LEU B 145 12.85 -12.10 7.47
CA LEU B 145 11.41 -11.99 7.24
C LEU B 145 10.64 -12.83 8.25
N VAL B 146 11.07 -14.08 8.46
CA VAL B 146 10.31 -15.01 9.29
C VAL B 146 10.56 -14.78 10.78
N THR B 147 11.81 -14.57 11.19
CA THR B 147 12.12 -14.48 12.62
C THR B 147 12.08 -13.06 13.17
N GLU B 148 12.04 -12.03 12.32
CA GLU B 148 12.00 -10.66 12.80
C GLU B 148 10.76 -9.93 12.30
N GLU B 149 10.56 -9.81 10.99
CA GLU B 149 9.46 -9.03 10.47
C GLU B 149 8.11 -9.61 10.89
N PHE B 150 7.89 -10.90 10.63
CA PHE B 150 6.63 -11.52 11.05
C PHE B 150 6.45 -11.48 12.56
N VAL B 151 7.55 -11.48 13.32
CA VAL B 151 7.44 -11.49 14.77
C VAL B 151 7.09 -10.10 15.31
N LYS B 152 7.72 -9.06 14.76
CA LYS B 152 7.39 -7.69 15.19
C LYS B 152 5.99 -7.28 14.76
N GLN B 153 5.49 -7.86 13.68
CA GLN B 153 4.09 -7.66 13.30
C GLN B 153 3.13 -8.45 14.16
N LYS B 154 3.64 -9.33 15.03
CA LYS B 154 2.85 -10.21 15.89
C LYS B 154 2.07 -11.26 15.11
N TYR B 155 2.50 -11.58 13.88
CA TYR B 155 1.93 -12.75 13.21
C TYR B 155 2.45 -14.03 13.83
N LEU B 156 3.69 -14.03 14.31
CA LEU B 156 4.29 -15.22 14.91
C LEU B 156 4.93 -14.85 16.24
N GLU B 157 5.00 -15.84 17.12
CA GLU B 157 5.88 -15.82 18.29
C GLU B 157 7.12 -16.67 18.01
N TYR B 158 8.26 -16.22 18.52
CA TYR B 158 9.55 -16.83 18.27
C TYR B 158 10.21 -16.98 19.64
N ASN B 159 10.10 -18.16 20.23
CA ASN B 159 10.38 -18.36 21.65
C ASN B 159 11.51 -19.36 21.85
N LYS B 160 12.40 -19.07 22.80
CA LYS B 160 13.43 -20.03 23.17
C LYS B 160 12.79 -21.27 23.77
N VAL B 161 13.26 -22.44 23.33
CA VAL B 161 12.77 -23.68 23.91
C VAL B 161 13.39 -23.79 25.30
N PRO B 162 12.58 -23.87 26.36
CA PRO B 162 13.15 -23.83 27.72
C PRO B 162 13.96 -25.08 28.02
N HIS B 163 15.06 -24.88 28.75
CA HIS B 163 15.91 -25.92 29.33
C HIS B 163 16.72 -26.71 28.32
N ILE B 164 16.67 -26.38 27.04
CA ILE B 164 17.45 -27.09 26.04
C ILE B 164 18.80 -26.41 25.91
N ASP B 165 19.88 -27.17 26.21
CA ASP B 165 21.17 -26.54 26.51
C ASP B 165 21.76 -25.83 25.30
N PRO B 166 21.88 -26.46 24.12
CA PRO B 166 22.14 -25.64 22.91
C PRO B 166 20.87 -24.90 22.55
N VAL B 167 20.96 -23.56 22.51
CA VAL B 167 19.75 -22.75 22.39
C VAL B 167 18.99 -23.11 21.12
N GLU B 168 17.69 -23.33 21.25
CA GLU B 168 16.82 -23.71 20.16
C GLU B 168 15.54 -22.90 20.26
N TYR B 169 14.92 -22.63 19.12
CA TYR B 169 13.72 -21.80 19.07
C TYR B 169 12.53 -22.58 18.52
N GLU B 170 11.34 -22.18 18.95
CA GLU B 170 10.10 -22.73 18.42
C GLU B 170 9.12 -21.60 18.12
N PHE B 171 8.17 -21.89 17.26
CA PHE B 171 7.22 -20.90 16.76
C PHE B 171 5.81 -21.22 17.22
N ARG B 172 5.05 -20.17 17.54
CA ARG B 172 3.61 -20.26 17.75
C ARG B 172 2.95 -19.16 16.92
N TRP B 173 1.63 -19.24 16.76
CA TRP B 173 0.89 -18.10 16.22
C TRP B 173 1.03 -16.90 17.14
N GLY B 174 1.18 -15.71 16.53
CA GLY B 174 1.13 -14.47 17.26
C GLY B 174 -0.29 -13.89 17.37
N GLN B 175 -0.40 -12.84 18.20
CA GLN B 175 -1.70 -12.24 18.46
C GLN B 175 -2.35 -11.70 17.20
N ARG B 176 -1.56 -11.18 16.25
CA ARG B 176 -2.17 -10.67 15.03
C ARG B 176 -2.79 -11.80 14.20
N ALA B 177 -2.16 -12.98 14.17
CA ALA B 177 -2.74 -14.11 13.44
C ALA B 177 -4.09 -14.49 14.01
N PHE B 178 -4.22 -14.50 15.34
CA PHE B 178 -5.51 -14.90 15.91
C PHE B 178 -6.60 -13.89 15.62
N LYS B 179 -6.25 -12.63 15.33
CA LYS B 179 -7.25 -11.62 15.01
C LYS B 179 -7.52 -11.50 13.51
N GLU B 180 -6.53 -11.77 12.67
CA GLU B 180 -6.74 -11.62 11.24
C GLU B 180 -7.21 -12.91 10.57
N THR B 181 -6.90 -14.07 11.14
CA THR B 181 -7.42 -15.33 10.59
C THR B 181 -7.91 -16.17 11.77
N SER B 182 -8.09 -17.47 11.55
CA SER B 182 -8.58 -18.35 12.60
C SER B 182 -8.06 -19.75 12.33
N LYS B 183 -8.12 -20.61 13.35
CA LYS B 183 -7.73 -21.99 13.13
C LYS B 183 -8.59 -22.65 12.06
N MET B 184 -9.91 -22.39 12.06
CA MET B 184 -10.78 -23.04 11.09
C MET B 184 -10.49 -22.54 9.67
N LYS B 185 -10.24 -21.22 9.53
CA LYS B 185 -9.87 -20.71 8.22
C LYS B 185 -8.56 -21.33 7.71
N VAL B 186 -7.57 -21.48 8.58
CA VAL B 186 -6.31 -22.08 8.15
C VAL B 186 -6.52 -23.55 7.79
N LEU B 187 -7.35 -24.25 8.57
CA LEU B 187 -7.69 -25.64 8.25
C LEU B 187 -8.38 -25.72 6.89
N GLU B 188 -9.23 -24.74 6.58
CA GLU B 188 -9.89 -24.73 5.29
C GLU B 188 -8.91 -24.50 4.16
N PHE B 189 -7.89 -23.66 4.38
CA PHE B 189 -6.84 -23.47 3.40
C PHE B 189 -6.04 -24.75 3.19
N VAL B 190 -5.59 -25.37 4.29
CA VAL B 190 -4.81 -26.60 4.20
C VAL B 190 -5.61 -27.67 3.46
N SER B 191 -6.90 -27.81 3.82
CA SER B 191 -7.76 -28.79 3.16
C SER B 191 -7.89 -28.51 1.68
N LYS B 192 -8.08 -27.24 1.30
CA LYS B 192 -8.19 -26.90 -0.12
C LYS B 192 -6.92 -27.26 -0.89
N ILE B 193 -5.77 -26.90 -0.35
CA ILE B 193 -4.50 -27.20 -1.02
C ILE B 193 -4.37 -28.70 -1.26
N GLN B 194 -4.77 -29.52 -0.30
CA GLN B 194 -4.57 -30.95 -0.38
C GLN B 194 -5.77 -31.70 -0.94
N GLN B 195 -6.76 -30.98 -1.47
CA GLN B 195 -7.94 -31.57 -2.11
C GLN B 195 -8.71 -32.46 -1.15
N LYS B 196 -8.83 -32.02 0.10
CA LYS B 196 -9.54 -32.73 1.15
C LYS B 196 -10.68 -31.86 1.70
N ASP B 197 -11.43 -32.44 2.64
CA ASP B 197 -12.44 -31.69 3.38
C ASP B 197 -11.93 -31.39 4.77
N PRO B 198 -12.27 -30.24 5.35
CA PRO B 198 -11.80 -29.93 6.71
C PRO B 198 -12.08 -31.04 7.73
N LYS B 199 -13.22 -31.72 7.60
CA LYS B 199 -13.53 -32.79 8.56
C LYS B 199 -12.65 -34.02 8.38
N SER B 200 -11.89 -34.12 7.28
CA SER B 200 -10.90 -35.19 7.15
C SER B 200 -9.90 -35.15 8.31
N TRP B 201 -9.58 -33.96 8.79
CA TRP B 201 -8.59 -33.78 9.84
C TRP B 201 -9.29 -33.67 11.19
N THR B 202 -9.81 -34.81 11.66
CA THR B 202 -10.67 -34.85 12.85
C THR B 202 -10.05 -34.11 14.03
N THR B 203 -8.78 -34.37 14.30
CA THR B 203 -8.12 -33.78 15.46
C THR B 203 -8.03 -32.26 15.33
N GLN B 204 -7.55 -31.79 14.18
CA GLN B 204 -7.41 -30.35 13.97
C GLN B 204 -8.76 -29.67 13.84
N TYR B 205 -9.74 -30.36 13.25
CA TYR B 205 -11.09 -29.81 13.17
C TYR B 205 -11.67 -29.55 14.55
N LYS B 206 -11.50 -30.49 15.49
CA LYS B 206 -12.02 -30.25 16.83
C LYS B 206 -11.29 -29.10 17.49
N ASP B 207 -9.97 -29.00 17.31
CA ASP B 207 -9.22 -27.90 17.88
C ASP B 207 -9.68 -26.56 17.31
N ALA B 208 -10.03 -26.54 16.02
CA ALA B 208 -10.47 -25.30 15.39
C ALA B 208 -11.87 -24.89 15.84
N GLN B 209 -12.69 -25.83 16.30
CA GLN B 209 -14.04 -25.50 16.75
C GLN B 209 -14.04 -24.85 18.12
N GLU B 210 -13.10 -25.22 18.99
CA GLU B 210 -13.05 -24.68 20.36
C GLU B 210 -12.19 -23.42 20.46
N HIS C 3 -6.48 -42.24 18.72
CA HIS C 3 -6.17 -42.06 17.30
C HIS C 3 -6.27 -40.60 16.93
N MET C 4 -5.16 -40.02 16.48
CA MET C 4 -5.09 -38.64 16.04
C MET C 4 -4.78 -38.58 14.55
N THR C 5 -5.45 -37.69 13.84
CA THR C 5 -5.17 -37.46 12.43
C THR C 5 -3.86 -36.69 12.33
N VAL C 6 -2.77 -37.40 12.02
CA VAL C 6 -1.44 -36.80 11.93
C VAL C 6 -1.29 -36.05 10.61
N PHE C 7 -0.68 -34.88 10.67
CA PHE C 7 -0.45 -34.04 9.50
C PHE C 7 0.88 -34.41 8.84
N ASP C 8 0.87 -34.56 7.52
CA ASP C 8 2.05 -34.91 6.74
C ASP C 8 2.60 -33.67 6.06
N PRO C 9 3.68 -33.06 6.57
CA PRO C 9 4.21 -31.84 5.92
C PRO C 9 4.83 -32.08 4.55
N THR C 10 5.23 -33.32 4.26
CA THR C 10 5.84 -33.61 2.96
C THR C 10 4.78 -33.69 1.87
N SER C 11 3.66 -34.34 2.16
CA SER C 11 2.51 -34.30 1.26
C SER C 11 2.05 -32.86 1.08
N PHE C 12 2.09 -32.07 2.15
CA PHE C 12 1.68 -30.68 2.10
C PHE C 12 2.51 -29.87 1.11
N THR C 13 3.85 -29.97 1.20
CA THR C 13 4.64 -29.17 0.27
C THR C 13 4.50 -29.66 -1.15
N ALA C 14 4.30 -30.97 -1.35
CA ALA C 14 4.06 -31.45 -2.70
C ALA C 14 2.79 -30.83 -3.28
N ASP C 15 1.73 -30.73 -2.47
CA ASP C 15 0.49 -30.15 -2.96
C ASP C 15 0.59 -28.64 -3.14
N LEU C 16 1.38 -27.96 -2.30
CA LEU C 16 1.60 -26.53 -2.49
C LEU C 16 2.30 -26.27 -3.82
N LEU C 17 3.35 -27.05 -4.13
CA LEU C 17 4.08 -26.84 -5.37
C LEU C 17 3.19 -27.04 -6.58
N SER C 18 2.31 -28.06 -6.53
CA SER C 18 1.34 -28.24 -7.61
C SER C 18 0.44 -27.02 -7.75
N PHE C 19 -0.12 -26.55 -6.64
CA PHE C 19 -0.98 -25.39 -6.67
C PHE C 19 -0.24 -24.17 -7.20
N MET C 20 1.05 -24.07 -6.89
CA MET C 20 1.86 -22.95 -7.32
C MET C 20 2.30 -23.06 -8.78
N GLY C 21 2.17 -24.25 -9.38
CA GLY C 21 2.44 -24.38 -10.80
C GLY C 21 3.65 -25.25 -11.13
N LEU C 22 3.85 -26.33 -10.38
CA LEU C 22 4.92 -27.30 -10.62
C LEU C 22 6.29 -26.68 -10.37
N GLY C 44 11.98 -28.69 -14.56
CA GLY C 44 10.80 -28.42 -13.76
C GLY C 44 11.03 -27.42 -12.65
N TYR C 45 10.62 -26.18 -12.89
CA TYR C 45 10.83 -25.09 -11.95
C TYR C 45 9.50 -24.39 -11.67
N LEU C 46 9.52 -23.50 -10.69
CA LEU C 46 8.35 -22.73 -10.26
C LEU C 46 8.16 -21.50 -11.14
N PRO C 47 6.92 -21.25 -11.56
CA PRO C 47 6.62 -20.01 -12.31
C PRO C 47 7.01 -18.78 -11.51
N THR C 48 7.29 -17.69 -12.22
CA THR C 48 7.73 -16.47 -11.56
C THR C 48 6.66 -15.87 -10.66
N ASP C 49 5.39 -16.26 -10.84
CA ASP C 49 4.29 -15.73 -10.05
C ASP C 49 3.79 -16.73 -9.01
N ALA C 50 4.61 -17.72 -8.66
CA ALA C 50 4.14 -18.83 -7.83
C ALA C 50 3.75 -18.37 -6.43
N TRP C 51 4.58 -17.53 -5.81
CA TRP C 51 4.26 -17.08 -4.46
C TRP C 51 3.13 -16.05 -4.47
N GLN C 52 3.05 -15.22 -5.50
CA GLN C 52 1.89 -14.33 -5.64
C GLN C 52 0.61 -15.13 -5.80
N LYS C 53 0.65 -16.22 -6.56
CA LYS C 53 -0.52 -17.07 -6.72
C LYS C 53 -0.96 -17.63 -5.37
N LEU C 54 -0.01 -18.14 -4.59
CA LEU C 54 -0.33 -18.67 -3.27
C LEU C 54 -0.83 -17.58 -2.35
N GLY C 55 -0.19 -16.41 -2.35
CA GLY C 55 -0.61 -15.34 -1.49
C GLY C 55 -2.00 -14.82 -1.81
N SER C 56 -2.37 -14.78 -3.10
CA SER C 56 -3.71 -14.33 -3.46
C SER C 56 -4.77 -15.28 -2.93
N GLU C 57 -4.48 -16.58 -2.95
CA GLU C 57 -5.39 -17.54 -2.30
C GLU C 57 -5.43 -17.28 -0.80
N ALA C 58 -4.27 -17.15 -0.18
CA ALA C 58 -4.21 -16.98 1.27
C ALA C 58 -4.94 -15.74 1.78
N GLU C 59 -4.97 -14.64 0.99
CA GLU C 59 -5.62 -13.41 1.45
C GLU C 59 -7.09 -13.61 1.73
N ASN C 60 -7.73 -14.54 1.04
CA ASN C 60 -9.15 -14.74 1.25
C ASN C 60 -9.45 -15.38 2.59
N TYR C 61 -8.41 -15.79 3.32
CA TYR C 61 -8.57 -16.37 4.64
C TYR C 61 -8.19 -15.41 5.76
N PHE C 62 -7.72 -14.22 5.42
CA PHE C 62 -7.33 -13.20 6.39
C PHE C 62 -8.29 -12.03 6.33
N LYS C 63 -8.27 -11.23 7.39
CA LYS C 63 -9.02 -9.97 7.42
C LYS C 63 -8.03 -8.80 7.43
N ARG C 64 -7.11 -8.79 6.48
CA ARG C 64 -6.12 -7.71 6.43
C ARG C 64 -6.69 -6.44 5.81
N THR C 65 -6.26 -5.29 6.33
CA THR C 65 -6.62 -4.01 5.75
C THR C 65 -5.54 -3.53 4.80
N PRO C 66 -5.92 -2.87 3.72
CA PRO C 66 -4.93 -2.12 2.94
C PRO C 66 -4.42 -0.95 3.76
N THR C 67 -3.29 -0.40 3.32
CA THR C 67 -2.63 0.69 4.04
C THR C 67 -2.57 1.92 3.14
N PHE C 68 -2.52 3.08 3.78
CA PHE C 68 -2.55 4.39 3.11
C PHE C 68 -1.14 4.90 2.94
N HIS C 69 -0.77 5.22 1.70
CA HIS C 69 0.57 5.69 1.36
C HIS C 69 0.47 6.96 0.54
N PHE C 70 1.45 7.84 0.72
CA PHE C 70 1.42 9.16 0.09
C PHE C 70 2.85 9.67 0.07
N MET C 71 3.06 10.74 -0.70
CA MET C 71 4.35 11.42 -0.75
C MET C 71 4.29 12.81 -0.13
N LEU C 72 3.28 13.62 -0.49
CA LEU C 72 3.13 14.94 0.09
C LEU C 72 3.06 14.86 1.61
N GLY C 73 3.87 15.70 2.28
CA GLY C 73 3.86 15.71 3.73
C GLY C 73 4.71 14.64 4.39
N SER C 74 5.35 13.77 3.61
CA SER C 74 6.21 12.76 4.19
C SER C 74 7.64 13.26 4.40
N PHE C 75 7.98 14.43 3.85
CA PHE C 75 9.35 14.94 3.88
C PHE C 75 9.67 15.56 5.22
N LYS C 76 10.85 15.24 5.77
CA LYS C 76 11.33 15.86 7.00
C LYS C 76 12.56 16.70 6.67
N THR C 77 12.33 17.98 6.37
CA THR C 77 11.01 18.58 6.29
C THR C 77 10.83 19.23 4.92
#